data_7CEU
#
_entry.id   7CEU
#
_cell.length_a   103.210
_cell.length_b   103.210
_cell.length_c   134.100
_cell.angle_alpha   90.000
_cell.angle_beta   90.000
_cell.angle_gamma   90.000
#
_symmetry.space_group_name_H-M   'P 41 21 2'
#
loop_
_entity.id
_entity.type
_entity.pdbx_description
1 polymer 'Cysteine desulfurase IscS'
2 non-polymer 'ISOPROPYL ALCOHOL'
3 non-polymer '(5-hydroxy-6-methyl-4-{[(3-oxo-2,3-dihydro-1,2-oxazol-4-yl)amino]methyl}pyridin-3-yl)methyl dihydrogen phosphate'
4 water water
#
_entity_poly.entity_id   1
_entity_poly.type   'polypeptide(L)'
_entity_poly.pdbx_seq_one_letter_code
;MVQRIYLDNNATTRIDPKVKEIMDPFLRDHYGNPSSLHQFGTETHPAIAEALDKLYKGINARDIDDVIITSCATESNNWV
LKGVYFDECLKKGKNHIVTTVAEHPAVRSTCNFLESLGVEVTYLPINEHGSITAEQVREAITEKTALVSVMWANNETGLI
FPIEEIGAICKEKGVLFHTDAVQAIGKIPVDVLKANADFLSFSAHKFHGPKGIGGLYIRSGVGLTPLFHGGEHMNGRRSG
TLNVPYIVGMGEAMKLAVEHLDYEKEVVGKLRDKLEEALLKIPDVMVVGDRIHRVPNTTLVSVRGIEGEAMLWDLNRSNI
AASTGSACASEDLEANPVMVAIGASKELAHTAIRLSLSRFNTEAEIDKTIEVFSQAAVRLRNISSSYVDLVPRGSHHHHH
H
;
_entity_poly.pdbx_strand_id   A
#
loop_
_chem_comp.id
_chem_comp.type
_chem_comp.name
_chem_comp.formula
7TS non-polymer '(5-hydroxy-6-methyl-4-{[(3-oxo-2,3-dihydro-1,2-oxazol-4-yl)amino]methyl}pyridin-3-yl)methyl dihydrogen phosphate' 'C11 H14 N3 O7 P'
IPA non-polymer 'ISOPROPYL ALCOHOL' 'C3 H8 O'
#
# COMPACT_ATOMS: atom_id res chain seq x y z
N VAL A 2 18.32 25.98 1.71
CA VAL A 2 18.18 25.10 0.57
C VAL A 2 16.70 24.75 0.54
N GLN A 3 16.14 24.61 -0.63
CA GLN A 3 14.76 24.11 -0.60
C GLN A 3 14.49 22.86 -1.45
N ARG A 4 14.23 21.69 -0.83
CA ARG A 4 14.05 20.42 -1.56
C ARG A 4 12.58 20.10 -1.92
N ILE A 5 12.31 19.16 -2.83
CA ILE A 5 10.93 18.81 -3.19
C ILE A 5 10.81 17.29 -3.14
N TYR A 6 9.87 16.83 -2.29
CA TYR A 6 9.69 15.40 -2.12
C TYR A 6 8.62 14.92 -3.07
N LEU A 7 8.97 14.03 -4.01
CA LEU A 7 7.96 13.45 -4.88
C LEU A 7 8.15 11.94 -4.96
N ASP A 8 8.41 11.31 -3.79
CA ASP A 8 8.72 9.89 -3.70
C ASP A 8 7.78 9.25 -2.68
N ASN A 9 6.49 9.64 -2.69
CA ASN A 9 5.54 9.34 -1.62
C ASN A 9 5.09 7.89 -1.71
N ASN A 10 5.20 7.28 -2.88
CA ASN A 10 4.88 5.88 -3.03
C ASN A 10 6.01 5.05 -2.43
N ALA A 11 7.13 5.67 -2.04
CA ALA A 11 8.25 4.98 -1.43
C ALA A 11 8.16 5.10 0.10
N THR A 12 7.87 6.32 0.60
CA THR A 12 7.53 6.58 2.00
C THR A 12 7.06 8.03 2.09
N THR A 13 6.36 8.40 3.15
CA THR A 13 5.82 9.75 3.24
C THR A 13 6.36 10.34 4.52
N ARG A 14 6.14 11.63 4.77
CA ARG A 14 6.65 12.25 5.97
C ARG A 14 5.56 12.08 7.01
N ILE A 15 5.95 11.97 8.27
CA ILE A 15 4.97 11.81 9.31
C ILE A 15 4.23 13.12 9.50
N ASP A 16 2.91 13.08 9.53
CA ASP A 16 2.17 14.32 9.76
C ASP A 16 2.58 14.85 11.14
N PRO A 17 2.77 16.16 11.33
CA PRO A 17 3.12 16.66 12.64
C PRO A 17 2.09 16.30 13.71
N LYS A 18 0.81 16.24 13.36
CA LYS A 18 -0.18 15.82 14.34
C LYS A 18 0.08 14.35 14.74
N VAL A 19 0.55 13.54 13.81
CA VAL A 19 0.95 12.20 14.17
C VAL A 19 2.14 12.20 15.20
N LYS A 20 3.21 12.99 14.91
CA LYS A 20 4.36 13.05 15.80
C LYS A 20 3.88 13.42 17.20
N GLU A 21 2.99 14.43 17.20
CA GLU A 21 2.61 15.04 18.46
C GLU A 21 1.84 13.98 19.27
N ILE A 22 0.97 13.22 18.59
CA ILE A 22 0.11 12.32 19.34
C ILE A 22 0.91 11.21 19.96
N MET A 23 2.05 10.86 19.33
CA MET A 23 2.85 9.71 19.71
C MET A 23 3.78 10.08 20.87
N ASP A 24 4.18 11.36 20.97
CA ASP A 24 5.28 11.70 21.88
C ASP A 24 5.09 11.19 23.31
N PRO A 25 3.90 11.37 23.93
CA PRO A 25 3.73 10.95 25.32
C PRO A 25 4.12 9.50 25.60
N PHE A 26 3.83 8.59 24.64
CA PHE A 26 4.13 7.18 24.81
C PHE A 26 5.59 6.87 24.58
N LEU A 27 6.40 7.81 24.07
CA LEU A 27 7.85 7.65 24.13
C LEU A 27 8.47 8.32 25.38
N ARG A 28 7.69 9.11 26.17
CA ARG A 28 8.08 9.72 27.45
C ARG A 28 7.49 8.97 28.66
N ASP A 29 6.33 9.37 29.21
CA ASP A 29 6.03 8.78 30.50
C ASP A 29 5.01 7.68 30.41
N HIS A 30 4.37 7.50 29.25
CA HIS A 30 3.39 6.44 29.16
C HIS A 30 4.00 5.22 28.51
N TYR A 31 4.91 4.61 29.24
CA TYR A 31 5.83 3.68 28.64
C TYR A 31 5.51 2.32 29.22
N GLY A 32 4.38 2.23 29.90
CA GLY A 32 4.00 0.91 30.32
C GLY A 32 3.70 -0.03 29.16
N ASN A 33 3.91 -1.29 29.50
CA ASN A 33 3.56 -2.42 28.65
C ASN A 33 2.06 -2.71 28.74
N PRO A 34 1.23 -2.57 27.70
CA PRO A 34 -0.21 -2.72 27.85
C PRO A 34 -0.75 -4.06 28.32
N SER A 35 0.07 -5.09 28.32
CA SER A 35 -0.30 -6.37 28.89
C SER A 35 -0.26 -6.36 30.42
N SER A 36 0.49 -5.44 31.04
CA SER A 36 0.69 -5.47 32.46
C SER A 36 -0.68 -5.15 33.09
N LEU A 37 -0.85 -5.60 34.37
CA LEU A 37 -2.14 -5.41 35.03
C LEU A 37 -2.20 -4.09 35.82
N HIS A 38 -1.04 -3.53 36.12
CA HIS A 38 -0.96 -2.35 36.96
C HIS A 38 -1.26 -1.08 36.19
N GLN A 39 -1.14 0.07 36.86
CA GLN A 39 -1.51 1.37 36.31
C GLN A 39 -0.67 1.70 35.08
N PHE A 40 0.63 1.33 35.06
CA PHE A 40 1.45 1.64 33.89
C PHE A 40 0.95 1.00 32.59
N GLY A 41 0.44 -0.23 32.71
CA GLY A 41 -0.17 -0.94 31.61
C GLY A 41 -1.61 -0.52 31.31
N THR A 42 -2.48 -0.43 32.31
CA THR A 42 -3.89 -0.16 32.04
C THR A 42 -4.08 1.28 31.53
N GLU A 43 -3.25 2.20 32.01
CA GLU A 43 -3.23 3.60 31.63
C GLU A 43 -3.14 3.84 30.13
N THR A 44 -2.67 2.83 29.37
CA THR A 44 -2.43 2.98 27.93
C THR A 44 -3.61 2.45 27.12
N HIS A 45 -4.58 1.82 27.78
CA HIS A 45 -5.67 1.14 27.10
C HIS A 45 -6.53 2.14 26.34
N PRO A 46 -7.04 3.21 26.96
CA PRO A 46 -7.86 4.17 26.21
C PRO A 46 -7.20 4.62 24.89
N ALA A 47 -5.93 5.04 24.97
CA ALA A 47 -5.18 5.51 23.81
C ALA A 47 -5.20 4.48 22.69
N ILE A 48 -4.92 3.25 23.08
CA ILE A 48 -4.82 2.14 22.15
C ILE A 48 -6.16 1.88 21.50
N ALA A 49 -7.17 1.87 22.33
CA ALA A 49 -8.52 1.57 21.90
C ALA A 49 -9.00 2.62 20.89
N GLU A 50 -8.63 3.88 21.12
CA GLU A 50 -9.06 4.93 20.22
C GLU A 50 -8.31 4.84 18.91
N ALA A 51 -7.03 4.47 19.00
CA ALA A 51 -6.23 4.28 17.82
C ALA A 51 -6.84 3.16 16.99
N LEU A 52 -7.23 2.10 17.66
CA LEU A 52 -7.80 1.01 16.90
C LEU A 52 -9.13 1.40 16.27
N ASP A 53 -9.92 2.15 17.04
CA ASP A 53 -11.19 2.67 16.55
C ASP A 53 -10.93 3.41 15.25
N LYS A 54 -9.92 4.26 15.21
CA LYS A 54 -9.67 4.97 13.98
C LYS A 54 -9.36 3.99 12.86
N LEU A 55 -8.69 2.86 13.17
CA LEU A 55 -8.31 1.97 12.08
C LEU A 55 -9.53 1.32 11.49
N TYR A 56 -10.33 0.65 12.34
CA TYR A 56 -11.62 0.07 11.96
C TYR A 56 -12.43 1.07 11.14
N LYS A 57 -12.61 2.25 11.70
CA LYS A 57 -13.43 3.26 11.07
C LYS A 57 -12.82 3.59 9.71
N GLY A 58 -11.51 3.67 9.59
CA GLY A 58 -10.91 4.04 8.34
C GLY A 58 -11.20 3.04 7.23
N ILE A 59 -11.39 1.77 7.52
CA ILE A 59 -11.49 0.85 6.41
C ILE A 59 -12.90 0.23 6.41
N ASN A 60 -13.75 0.81 7.24
CA ASN A 60 -15.10 0.32 7.47
C ASN A 60 -15.05 -1.16 7.84
N ALA A 61 -14.12 -1.54 8.69
CA ALA A 61 -14.24 -2.83 9.33
C ALA A 61 -15.33 -2.72 10.39
N ARG A 62 -16.02 -3.85 10.65
CA ARG A 62 -17.09 -3.89 11.66
C ARG A 62 -16.51 -4.38 12.96
N ASP A 63 -17.18 -4.10 14.08
CA ASP A 63 -16.77 -4.61 15.39
C ASP A 63 -16.46 -6.11 15.40
N ILE A 64 -17.20 -6.92 14.64
CA ILE A 64 -16.95 -8.36 14.66
C ILE A 64 -15.71 -8.73 13.82
N ASP A 65 -15.15 -7.81 13.05
CA ASP A 65 -13.87 -8.07 12.38
C ASP A 65 -12.67 -7.69 13.25
N ASP A 66 -11.49 -8.20 12.84
CA ASP A 66 -10.23 -7.90 13.50
C ASP A 66 -9.43 -6.94 12.63
N VAL A 67 -8.77 -5.99 13.30
CA VAL A 67 -7.70 -5.32 12.59
C VAL A 67 -6.46 -5.55 13.45
N ILE A 68 -5.58 -6.44 12.99
CA ILE A 68 -4.43 -6.82 13.78
C ILE A 68 -3.25 -5.91 13.51
N ILE A 69 -2.65 -5.39 14.58
CA ILE A 69 -1.49 -4.53 14.38
C ILE A 69 -0.34 -5.48 13.99
N THR A 70 0.38 -5.14 12.91
CA THR A 70 1.61 -5.86 12.60
C THR A 70 2.77 -4.87 12.50
N SER A 71 3.96 -5.35 12.10
CA SER A 71 5.13 -4.48 12.17
C SER A 71 5.30 -3.79 10.80
N CYS A 72 4.54 -4.26 9.80
CA CYS A 72 4.46 -3.56 8.51
C CYS A 72 3.65 -4.39 7.51
N ALA A 73 3.39 -3.82 6.33
CA ALA A 73 2.53 -4.55 5.38
C ALA A 73 3.18 -5.88 4.98
N THR A 74 4.51 -5.84 4.94
CA THR A 74 5.23 -6.99 4.46
C THR A 74 4.93 -8.14 5.42
N GLU A 75 4.93 -7.85 6.76
CA GLU A 75 4.48 -8.86 7.75
C GLU A 75 3.08 -9.40 7.39
N SER A 76 2.14 -8.47 7.18
CA SER A 76 0.76 -8.73 6.81
C SER A 76 0.69 -9.72 5.65
N ASN A 77 1.38 -9.37 4.53
CA ASN A 77 1.42 -10.20 3.33
C ASN A 77 2.01 -11.61 3.57
N ASN A 78 3.23 -11.68 4.11
CA ASN A 78 3.76 -12.98 4.44
C ASN A 78 2.76 -13.76 5.31
N TRP A 79 2.14 -13.11 6.32
CA TRP A 79 1.17 -13.77 7.17
C TRP A 79 -0.01 -14.32 6.36
N VAL A 80 -0.67 -13.53 5.52
CA VAL A 80 -1.82 -14.10 4.83
C VAL A 80 -1.38 -15.29 3.99
N LEU A 81 -0.36 -15.10 3.13
CA LEU A 81 0.05 -16.15 2.25
C LEU A 81 0.44 -17.43 3.00
N LYS A 82 1.32 -17.32 3.99
CA LYS A 82 1.80 -18.49 4.73
C LYS A 82 0.68 -19.13 5.57
N GLY A 83 -0.18 -18.32 6.13
CA GLY A 83 -1.23 -18.89 6.95
C GLY A 83 -2.23 -19.65 6.10
N VAL A 84 -2.65 -19.03 4.99
CA VAL A 84 -3.53 -19.72 4.05
C VAL A 84 -2.84 -20.99 3.55
N TYR A 85 -1.50 -20.96 3.40
CA TYR A 85 -0.74 -22.16 3.07
C TYR A 85 -1.06 -23.31 4.04
N PHE A 86 -0.91 -23.09 5.35
CA PHE A 86 -1.13 -24.25 6.22
C PHE A 86 -2.59 -24.59 6.37
N ASP A 87 -3.46 -23.58 6.30
CA ASP A 87 -4.87 -23.77 6.61
C ASP A 87 -5.53 -24.44 5.42
N GLU A 88 -5.30 -23.87 4.23
CA GLU A 88 -6.08 -24.17 3.04
C GLU A 88 -5.35 -25.12 2.11
N CYS A 89 -4.01 -25.09 2.11
CA CYS A 89 -3.24 -25.76 1.07
C CYS A 89 -2.78 -27.12 1.56
N LEU A 90 -2.03 -27.12 2.67
CA LEU A 90 -1.57 -28.35 3.25
C LEU A 90 -2.75 -29.12 3.86
N LYS A 91 -3.72 -28.42 4.44
CA LYS A 91 -4.64 -29.08 5.35
C LYS A 91 -5.95 -29.40 4.63
N LYS A 92 -6.33 -28.61 3.62
CA LYS A 92 -7.56 -28.91 2.92
C LYS A 92 -7.30 -29.28 1.46
N GLY A 93 -6.02 -29.47 1.10
CA GLY A 93 -5.62 -29.84 -0.26
C GLY A 93 -5.82 -28.79 -1.36
N LYS A 94 -6.37 -27.60 -1.04
CA LYS A 94 -6.59 -26.53 -2.03
C LYS A 94 -5.28 -25.82 -2.33
N ASN A 95 -4.50 -26.45 -3.19
CA ASN A 95 -3.11 -26.17 -3.39
C ASN A 95 -2.89 -25.18 -4.54
N HIS A 96 -3.79 -24.22 -4.71
CA HIS A 96 -3.58 -23.22 -5.73
C HIS A 96 -3.88 -21.82 -5.16
N ILE A 97 -3.11 -20.86 -5.65
CA ILE A 97 -3.31 -19.47 -5.33
C ILE A 97 -3.36 -18.69 -6.65
N VAL A 98 -4.24 -17.69 -6.72
CA VAL A 98 -4.15 -16.83 -7.88
C VAL A 98 -3.69 -15.45 -7.44
N THR A 99 -2.73 -14.88 -8.18
CA THR A 99 -2.32 -13.50 -7.91
C THR A 99 -1.95 -12.85 -9.25
N THR A 100 -1.33 -11.66 -9.18
CA THR A 100 -0.90 -10.89 -10.33
C THR A 100 0.62 -10.72 -10.34
N VAL A 101 1.17 -10.16 -11.42
CA VAL A 101 2.62 -10.02 -11.58
C VAL A 101 2.97 -8.61 -11.15
N ALA A 102 1.91 -7.83 -10.90
CA ALA A 102 2.03 -6.42 -10.53
C ALA A 102 2.28 -6.28 -9.02
N GLU A 103 1.98 -7.37 -8.27
CA GLU A 103 2.03 -7.47 -6.83
C GLU A 103 3.43 -7.10 -6.36
N HIS A 104 3.48 -6.42 -5.19
CA HIS A 104 4.68 -6.05 -4.49
C HIS A 104 5.46 -7.33 -4.24
N PRO A 105 6.80 -7.28 -4.30
CA PRO A 105 7.68 -8.38 -3.90
C PRO A 105 7.37 -9.07 -2.57
N ALA A 106 6.83 -8.35 -1.57
CA ALA A 106 6.27 -8.98 -0.39
C ALA A 106 5.24 -10.10 -0.75
N VAL A 107 4.57 -10.00 -1.90
CA VAL A 107 3.57 -10.99 -2.21
C VAL A 107 4.19 -12.04 -3.13
N ARG A 108 4.84 -11.52 -4.19
CA ARG A 108 5.33 -12.38 -5.24
C ARG A 108 6.44 -13.25 -4.66
N SER A 109 7.31 -12.65 -3.87
CA SER A 109 8.47 -13.39 -3.42
C SER A 109 8.06 -14.53 -2.50
N THR A 110 7.05 -14.26 -1.66
CA THR A 110 6.54 -15.26 -0.73
C THR A 110 5.88 -16.38 -1.51
N CYS A 111 5.15 -15.98 -2.57
CA CYS A 111 4.57 -16.94 -3.51
C CYS A 111 5.64 -17.82 -4.13
N ASN A 112 6.73 -17.20 -4.57
CA ASN A 112 7.85 -17.92 -5.13
C ASN A 112 8.31 -19.02 -4.16
N PHE A 113 8.49 -18.66 -2.88
CA PHE A 113 8.80 -19.65 -1.87
C PHE A 113 7.70 -20.73 -1.78
N LEU A 114 6.42 -20.36 -1.96
CA LEU A 114 5.34 -21.29 -1.73
C LEU A 114 5.33 -22.36 -2.83
N GLU A 115 5.61 -21.91 -4.06
CA GLU A 115 5.75 -22.84 -5.15
C GLU A 115 7.00 -23.67 -4.92
N SER A 116 8.03 -23.09 -4.31
CA SER A 116 9.15 -23.92 -3.90
C SER A 116 8.67 -25.06 -3.00
N LEU A 117 7.62 -24.87 -2.20
CA LEU A 117 7.22 -25.94 -1.29
C LEU A 117 6.30 -26.94 -2.00
N GLY A 118 5.77 -26.49 -3.15
CA GLY A 118 4.92 -27.32 -3.96
C GLY A 118 3.55 -26.71 -4.20
N VAL A 119 3.30 -25.45 -3.86
CA VAL A 119 2.02 -24.86 -4.23
C VAL A 119 2.13 -24.47 -5.69
N GLU A 120 1.01 -24.54 -6.41
CA GLU A 120 1.03 -23.98 -7.76
C GLU A 120 0.39 -22.60 -7.69
N VAL A 121 1.14 -21.58 -8.08
CA VAL A 121 0.63 -20.22 -8.08
C VAL A 121 0.58 -19.76 -9.53
N THR A 122 -0.50 -19.08 -9.90
CA THR A 122 -0.60 -18.55 -11.25
C THR A 122 -0.63 -17.02 -11.15
N TYR A 123 0.39 -16.37 -11.74
CA TYR A 123 0.51 -14.93 -11.68
C TYR A 123 -0.19 -14.35 -12.88
N LEU A 124 -1.28 -13.62 -12.66
CA LEU A 124 -2.02 -13.08 -13.78
C LEU A 124 -1.16 -12.06 -14.52
N PRO A 125 -1.12 -12.14 -15.88
CA PRO A 125 -0.38 -11.19 -16.69
C PRO A 125 -1.12 -9.87 -16.85
N ILE A 126 -0.32 -8.84 -17.09
CA ILE A 126 -0.81 -7.49 -17.20
C ILE A 126 -1.21 -7.21 -18.66
N ASN A 127 -2.30 -6.46 -18.88
CA ASN A 127 -2.91 -6.25 -20.20
C ASN A 127 -2.29 -5.02 -20.88
N GLU A 128 -2.94 -4.47 -21.92
CA GLU A 128 -2.50 -3.24 -22.61
C GLU A 128 -2.77 -2.02 -21.73
N HIS A 129 -3.91 -2.08 -21.02
CA HIS A 129 -4.47 -1.02 -20.21
C HIS A 129 -3.73 -0.87 -18.87
N GLY A 130 -2.64 -1.64 -18.66
CA GLY A 130 -1.92 -1.63 -17.39
C GLY A 130 -2.70 -2.19 -16.19
N SER A 131 -3.78 -2.94 -16.43
CA SER A 131 -4.74 -3.33 -15.41
C SER A 131 -4.90 -4.84 -15.35
N ILE A 132 -5.88 -5.27 -14.57
CA ILE A 132 -6.31 -6.65 -14.53
C ILE A 132 -7.83 -6.58 -14.64
N THR A 133 -8.43 -7.61 -15.25
CA THR A 133 -9.88 -7.67 -15.22
C THR A 133 -10.37 -8.86 -14.39
N ALA A 134 -11.49 -8.66 -13.69
CA ALA A 134 -11.98 -9.65 -12.74
C ALA A 134 -12.30 -10.97 -13.44
N GLU A 135 -12.79 -10.88 -14.68
CA GLU A 135 -13.06 -12.12 -15.38
C GLU A 135 -11.73 -12.87 -15.57
N GLN A 136 -10.61 -12.15 -15.45
CA GLN A 136 -9.31 -12.77 -15.72
C GLN A 136 -8.99 -13.81 -14.64
N VAL A 137 -9.43 -13.58 -13.40
CA VAL A 137 -9.14 -14.54 -12.33
C VAL A 137 -10.16 -15.68 -12.39
N ARG A 138 -11.38 -15.32 -12.79
CA ARG A 138 -12.50 -16.26 -12.94
C ARG A 138 -12.02 -17.49 -13.70
N GLU A 139 -11.35 -17.34 -14.86
CA GLU A 139 -10.90 -18.48 -15.67
C GLU A 139 -9.53 -19.00 -15.22
N ALA A 140 -9.27 -18.95 -13.91
CA ALA A 140 -8.04 -19.41 -13.27
C ALA A 140 -8.40 -20.00 -11.90
N ILE A 141 -9.60 -19.70 -11.38
CA ILE A 141 -10.01 -20.28 -10.11
C ILE A 141 -10.53 -21.69 -10.36
N THR A 142 -9.87 -22.64 -9.71
CA THR A 142 -10.04 -24.08 -9.80
C THR A 142 -10.43 -24.59 -8.40
N GLU A 143 -10.64 -25.90 -8.28
CA GLU A 143 -11.08 -26.55 -7.04
C GLU A 143 -9.93 -26.59 -6.06
N LYS A 144 -8.78 -26.18 -6.57
CA LYS A 144 -7.56 -26.16 -5.78
C LYS A 144 -7.25 -24.74 -5.28
N THR A 145 -8.02 -23.72 -5.72
CA THR A 145 -7.69 -22.35 -5.32
C THR A 145 -8.08 -22.09 -3.85
N ALA A 146 -7.07 -21.80 -3.00
CA ALA A 146 -7.29 -21.44 -1.60
C ALA A 146 -7.58 -19.95 -1.47
N LEU A 147 -6.90 -19.15 -2.32
CA LEU A 147 -6.84 -17.71 -2.13
C LEU A 147 -6.56 -16.97 -3.46
N VAL A 148 -7.25 -15.86 -3.63
CA VAL A 148 -6.82 -14.89 -4.61
C VAL A 148 -6.33 -13.66 -3.87
N SER A 149 -5.25 -13.08 -4.40
CA SER A 149 -4.63 -11.90 -3.85
C SER A 149 -4.43 -10.94 -5.01
N VAL A 150 -5.21 -9.87 -5.01
CA VAL A 150 -4.78 -8.78 -5.88
C VAL A 150 -4.64 -7.49 -5.05
N MET A 151 -3.55 -6.76 -5.28
CA MET A 151 -3.38 -5.42 -4.75
C MET A 151 -4.52 -4.49 -5.15
N TRP A 152 -4.93 -3.62 -4.23
CA TRP A 152 -5.90 -2.62 -4.53
C TRP A 152 -5.36 -1.57 -5.50
N ALA A 153 -4.12 -1.14 -5.38
CA ALA A 153 -3.52 -0.20 -6.32
C ALA A 153 -2.02 -0.51 -6.47
N ASN A 154 -1.53 -0.30 -7.71
CA ASN A 154 -0.17 -0.62 -8.10
C ASN A 154 0.72 0.49 -7.56
N ASN A 155 1.85 0.07 -6.97
CA ASN A 155 2.77 0.97 -6.30
C ASN A 155 3.60 1.72 -7.33
N GLU A 156 3.65 1.18 -8.57
CA GLU A 156 4.49 1.69 -9.64
C GLU A 156 3.73 2.69 -10.53
N THR A 157 2.55 2.29 -11.05
CA THR A 157 1.76 3.09 -11.98
C THR A 157 0.72 3.87 -11.19
N GLY A 158 0.26 3.26 -10.10
CA GLY A 158 -0.73 3.93 -9.27
C GLY A 158 -2.15 3.65 -9.73
N LEU A 159 -2.35 2.57 -10.49
CA LEU A 159 -3.69 2.45 -10.98
C LEU A 159 -4.48 1.47 -10.16
N ILE A 160 -5.74 1.82 -9.91
CA ILE A 160 -6.71 1.05 -9.15
C ILE A 160 -7.14 -0.20 -9.90
N PHE A 161 -7.28 -1.32 -9.18
CA PHE A 161 -7.85 -2.53 -9.76
C PHE A 161 -9.31 -2.72 -9.35
N PRO A 162 -10.06 -3.62 -10.03
CA PRO A 162 -11.50 -3.73 -9.83
C PRO A 162 -11.74 -4.62 -8.62
N ILE A 163 -11.59 -4.01 -7.44
CA ILE A 163 -11.59 -4.83 -6.26
C ILE A 163 -13.02 -5.35 -6.02
N GLU A 164 -14.05 -4.55 -6.35
CA GLU A 164 -15.42 -4.95 -6.02
C GLU A 164 -15.80 -6.19 -6.83
N GLU A 165 -15.51 -6.10 -8.13
CA GLU A 165 -15.67 -7.17 -9.09
C GLU A 165 -15.09 -8.46 -8.51
N ILE A 166 -13.79 -8.45 -8.19
CA ILE A 166 -13.11 -9.65 -7.74
C ILE A 166 -13.71 -10.15 -6.42
N GLY A 167 -14.14 -9.19 -5.59
CA GLY A 167 -14.78 -9.48 -4.33
C GLY A 167 -16.02 -10.34 -4.51
N ALA A 168 -16.82 -9.90 -5.49
CA ALA A 168 -18.08 -10.56 -5.88
C ALA A 168 -17.80 -11.95 -6.44
N ILE A 169 -16.84 -12.05 -7.40
CA ILE A 169 -16.39 -13.32 -7.95
C ILE A 169 -16.05 -14.29 -6.83
N CYS A 170 -15.21 -13.84 -5.89
CA CYS A 170 -14.75 -14.70 -4.83
C CYS A 170 -15.88 -15.13 -3.91
N LYS A 171 -16.82 -14.19 -3.64
CA LYS A 171 -17.91 -14.44 -2.71
C LYS A 171 -18.65 -15.65 -3.25
N GLU A 172 -19.02 -15.50 -4.54
CA GLU A 172 -19.69 -16.48 -5.39
C GLU A 172 -18.99 -17.83 -5.28
N LYS A 173 -17.77 -17.90 -5.82
CA LYS A 173 -17.06 -19.16 -6.00
C LYS A 173 -16.37 -19.73 -4.76
N GLY A 174 -16.59 -19.17 -3.55
CA GLY A 174 -16.09 -19.67 -2.26
C GLY A 174 -14.56 -19.76 -2.08
N VAL A 175 -13.83 -18.72 -2.49
CA VAL A 175 -12.38 -18.72 -2.36
C VAL A 175 -11.99 -17.48 -1.54
N LEU A 176 -10.99 -17.62 -0.65
CA LEU A 176 -10.51 -16.52 0.20
C LEU A 176 -9.90 -15.36 -0.62
N PHE A 177 -10.27 -14.12 -0.26
CA PHE A 177 -9.79 -12.92 -0.93
C PHE A 177 -8.91 -12.04 -0.04
N HIS A 178 -7.69 -11.78 -0.52
CA HIS A 178 -6.80 -10.84 0.12
C HIS A 178 -6.46 -9.71 -0.84
N THR A 179 -6.51 -8.49 -0.32
CA THR A 179 -6.06 -7.33 -1.09
C THR A 179 -4.98 -6.59 -0.30
N ASP A 180 -3.85 -6.36 -0.97
CA ASP A 180 -2.78 -5.52 -0.44
C ASP A 180 -3.11 -4.10 -0.84
N ALA A 181 -3.54 -3.34 0.16
CA ALA A 181 -4.16 -2.06 -0.04
C ALA A 181 -3.26 -0.88 0.38
N VAL A 182 -1.92 -1.08 0.37
CA VAL A 182 -1.08 -0.10 1.01
C VAL A 182 -1.07 1.17 0.20
N GLN A 183 -1.29 1.02 -1.09
CA GLN A 183 -1.21 2.18 -1.98
C GLN A 183 -2.56 2.89 -2.04
N ALA A 184 -3.63 2.21 -1.58
CA ALA A 184 -5.01 2.69 -1.54
C ALA A 184 -5.27 3.59 -0.31
N ILE A 185 -4.73 3.17 0.84
CA ILE A 185 -5.04 3.94 2.03
C ILE A 185 -4.57 5.38 1.84
N GLY A 186 -5.54 6.30 2.04
CA GLY A 186 -5.30 7.71 2.23
C GLY A 186 -5.41 8.43 0.90
N LYS A 187 -5.63 7.59 -0.13
CA LYS A 187 -5.53 7.97 -1.53
C LYS A 187 -6.88 7.86 -2.24
N ILE A 188 -7.59 6.75 -2.03
CA ILE A 188 -8.93 6.54 -2.52
C ILE A 188 -9.75 5.88 -1.41
N PRO A 189 -11.09 6.07 -1.32
CA PRO A 189 -11.87 5.38 -0.27
C PRO A 189 -11.54 3.89 -0.14
N VAL A 190 -11.51 3.33 1.07
CA VAL A 190 -11.30 1.89 1.20
C VAL A 190 -12.42 1.29 2.04
N ASP A 191 -12.99 0.19 1.54
CA ASP A 191 -14.15 -0.39 2.19
C ASP A 191 -14.07 -1.91 2.09
N VAL A 192 -13.72 -2.57 3.19
CA VAL A 192 -13.49 -4.01 3.12
C VAL A 192 -14.83 -4.68 2.86
N LEU A 193 -15.92 -3.99 3.22
CA LEU A 193 -17.25 -4.56 3.10
C LEU A 193 -17.66 -4.59 1.62
N LYS A 194 -17.57 -3.42 0.97
CA LYS A 194 -17.77 -3.31 -0.46
C LYS A 194 -16.85 -4.27 -1.20
N ALA A 195 -15.63 -4.49 -0.70
CA ALA A 195 -14.63 -5.30 -1.36
C ALA A 195 -14.83 -6.78 -1.14
N ASN A 196 -15.75 -7.15 -0.23
CA ASN A 196 -15.91 -8.53 0.23
C ASN A 196 -14.55 -9.16 0.40
N ALA A 197 -13.70 -8.49 1.18
CA ALA A 197 -12.36 -9.00 1.38
C ALA A 197 -12.40 -9.83 2.63
N ASP A 198 -11.59 -10.88 2.64
CA ASP A 198 -11.35 -11.61 3.85
C ASP A 198 -10.13 -11.04 4.58
N PHE A 199 -9.17 -10.56 3.78
CA PHE A 199 -7.92 -10.05 4.30
C PHE A 199 -7.54 -8.78 3.57
N LEU A 200 -7.06 -7.78 4.34
CA LEU A 200 -6.52 -6.54 3.76
C LEU A 200 -5.26 -6.08 4.52
N SER A 201 -4.21 -5.72 3.78
CA SER A 201 -2.94 -5.23 4.31
C SER A 201 -2.80 -3.73 4.16
N PHE A 202 -2.19 -3.02 5.14
CA PHE A 202 -1.74 -1.65 4.93
C PHE A 202 -0.45 -1.39 5.72
N SER A 203 0.33 -0.37 5.31
CA SER A 203 1.50 0.02 6.09
C SER A 203 1.43 1.52 6.40
N ALA A 204 1.66 1.95 7.64
CA ALA A 204 1.36 3.33 8.01
C ALA A 204 2.16 4.36 7.22
N HIS A 205 3.41 4.08 6.82
CA HIS A 205 4.36 5.11 6.35
C HIS A 205 4.00 5.54 4.91
N LYS A 206 2.93 4.91 4.37
CA LYS A 206 2.42 5.38 3.10
C LYS A 206 1.28 6.38 3.28
N PHE A 207 0.78 6.60 4.51
CA PHE A 207 -0.17 7.65 4.77
C PHE A 207 0.18 8.50 5.98
N HIS A 208 1.45 8.84 6.07
CA HIS A 208 1.94 9.84 7.03
C HIS A 208 1.94 9.34 8.49
N GLY A 209 1.93 8.03 8.66
CA GLY A 209 2.42 7.46 9.91
C GLY A 209 3.86 6.94 9.85
N PRO A 210 4.40 6.38 10.96
CA PRO A 210 5.79 5.96 11.01
C PRO A 210 5.98 4.68 10.20
N LYS A 211 7.25 4.48 9.78
CA LYS A 211 7.67 3.18 9.25
C LYS A 211 7.71 2.13 10.38
N GLY A 212 7.52 0.83 10.05
CA GLY A 212 7.64 -0.15 11.13
C GLY A 212 6.31 -0.41 11.86
N ILE A 213 5.18 -0.10 11.24
CA ILE A 213 3.93 -0.67 11.72
C ILE A 213 3.00 -0.77 10.52
N GLY A 214 2.12 -1.77 10.56
CA GLY A 214 1.05 -1.79 9.61
C GLY A 214 -0.09 -2.64 10.18
N GLY A 215 -1.00 -3.06 9.30
CA GLY A 215 -2.13 -3.80 9.84
C GLY A 215 -2.57 -4.88 8.87
N LEU A 216 -3.19 -5.93 9.43
CA LEU A 216 -3.95 -6.84 8.61
C LEU A 216 -5.38 -6.92 9.10
N TYR A 217 -6.32 -6.59 8.21
CA TYR A 217 -7.74 -6.75 8.43
C TYR A 217 -8.10 -8.22 8.24
N ILE A 218 -8.66 -8.86 9.27
CA ILE A 218 -9.19 -10.20 9.12
C ILE A 218 -10.69 -10.20 9.41
N ARG A 219 -11.44 -10.72 8.43
CA ARG A 219 -12.91 -10.81 8.44
C ARG A 219 -13.41 -11.85 9.45
N SER A 220 -14.57 -11.53 10.03
CA SER A 220 -15.13 -12.30 11.12
C SER A 220 -15.25 -13.78 10.80
N GLY A 221 -14.73 -14.62 11.71
CA GLY A 221 -14.78 -16.08 11.63
C GLY A 221 -13.83 -16.71 10.60
N VAL A 222 -13.22 -15.89 9.72
CA VAL A 222 -12.07 -16.36 8.99
C VAL A 222 -10.90 -16.60 9.94
N GLY A 223 -10.28 -17.75 9.73
CA GLY A 223 -9.14 -18.24 10.50
C GLY A 223 -7.88 -17.92 9.72
N LEU A 224 -6.77 -17.78 10.45
CA LEU A 224 -5.46 -17.65 9.83
C LEU A 224 -4.43 -17.97 10.89
N THR A 225 -3.67 -19.05 10.68
CA THR A 225 -2.69 -19.50 11.65
C THR A 225 -1.66 -18.41 11.83
N PRO A 226 -1.28 -18.12 13.08
CA PRO A 226 -0.27 -17.12 13.37
C PRO A 226 1.01 -17.14 12.55
N LEU A 227 1.47 -15.94 12.21
CA LEU A 227 2.87 -15.94 11.81
C LEU A 227 3.74 -15.63 13.03
N PHE A 228 3.17 -14.91 14.00
CA PHE A 228 3.90 -14.71 15.23
C PHE A 228 3.18 -15.53 16.28
N HIS A 229 3.78 -16.66 16.62
CA HIS A 229 3.21 -17.48 17.66
C HIS A 229 3.71 -16.97 19.00
N GLY A 230 2.96 -17.25 20.06
CA GLY A 230 3.39 -16.96 21.42
C GLY A 230 2.15 -16.59 22.17
N GLY A 231 1.07 -16.65 21.36
CA GLY A 231 -0.32 -16.26 21.45
C GLY A 231 -0.75 -15.55 22.73
N GLU A 232 -0.24 -14.33 22.96
CA GLU A 232 -0.87 -13.58 24.06
C GLU A 232 -1.57 -12.32 23.55
N HIS A 233 -0.84 -11.52 22.77
CA HIS A 233 -1.43 -10.28 22.32
C HIS A 233 -2.24 -10.46 21.04
N MET A 234 -2.96 -9.38 20.76
CA MET A 234 -3.77 -9.23 19.57
C MET A 234 -4.70 -10.43 19.37
N ASN A 235 -5.51 -10.75 20.40
CA ASN A 235 -6.43 -11.91 20.48
C ASN A 235 -5.71 -13.19 20.08
N GLY A 236 -4.48 -13.38 20.60
CA GLY A 236 -3.58 -14.47 20.27
C GLY A 236 -3.21 -14.71 18.79
N ARG A 237 -3.49 -13.77 17.86
CA ARG A 237 -3.23 -13.94 16.43
C ARG A 237 -1.87 -13.42 16.00
N ARG A 238 -1.27 -12.57 16.87
CA ARG A 238 0.01 -12.00 16.54
C ARG A 238 0.72 -11.55 17.81
N SER A 239 1.68 -12.35 18.32
CA SER A 239 2.22 -12.16 19.66
C SER A 239 3.40 -11.18 19.57
N GLY A 240 3.70 -10.46 20.68
CA GLY A 240 4.87 -9.58 20.87
C GLY A 240 4.41 -8.28 21.53
N THR A 241 5.23 -7.75 22.45
CA THR A 241 4.83 -6.56 23.17
C THR A 241 4.34 -5.49 22.21
N LEU A 242 3.25 -4.79 22.55
CA LEU A 242 2.63 -3.92 21.52
C LEU A 242 3.48 -2.68 21.24
N ASN A 243 3.44 -2.21 19.96
CA ASN A 243 4.26 -1.02 19.69
C ASN A 243 3.42 0.23 19.99
N VAL A 244 3.37 0.63 21.28
CA VAL A 244 2.32 1.54 21.68
C VAL A 244 2.37 2.83 20.87
N PRO A 245 3.56 3.48 20.83
CA PRO A 245 3.72 4.83 20.24
C PRO A 245 3.22 4.75 18.80
N TYR A 246 3.70 3.73 18.11
CA TYR A 246 3.36 3.63 16.70
C TYR A 246 1.86 3.32 16.57
N ILE A 247 1.31 2.52 17.49
CA ILE A 247 -0.07 2.20 17.25
C ILE A 247 -0.88 3.51 17.32
N VAL A 248 -0.51 4.37 18.31
CA VAL A 248 -1.36 5.52 18.53
C VAL A 248 -1.21 6.40 17.31
N GLY A 249 0.05 6.54 16.85
CA GLY A 249 0.36 7.37 15.68
C GLY A 249 -0.39 6.91 14.42
N MET A 250 -0.36 5.58 14.18
CA MET A 250 -0.91 5.08 12.94
C MET A 250 -2.42 5.31 12.94
N GLY A 251 -3.01 5.22 14.14
CA GLY A 251 -4.44 5.51 14.24
C GLY A 251 -4.76 6.96 13.85
N GLU A 252 -4.04 7.91 14.48
CA GLU A 252 -4.22 9.30 14.07
C GLU A 252 -3.97 9.47 12.56
N ALA A 253 -2.99 8.70 12.10
CA ALA A 253 -2.51 8.85 10.73
C ALA A 253 -3.63 8.52 9.76
N MET A 254 -4.32 7.41 10.05
CA MET A 254 -5.39 6.90 9.21
C MET A 254 -6.54 7.89 9.29
N LYS A 255 -6.78 8.45 10.50
CA LYS A 255 -7.94 9.32 10.64
C LYS A 255 -7.74 10.47 9.66
N LEU A 256 -6.55 11.10 9.74
CA LEU A 256 -6.20 12.24 8.92
C LEU A 256 -6.23 11.84 7.46
N ALA A 257 -5.82 10.61 7.14
CA ALA A 257 -5.75 10.21 5.74
C ALA A 257 -7.14 10.28 5.05
N VAL A 258 -8.16 9.64 5.72
CA VAL A 258 -9.54 9.64 5.23
C VAL A 258 -10.08 11.06 5.28
N GLU A 259 -9.72 11.78 6.34
CA GLU A 259 -10.20 13.13 6.46
C GLU A 259 -9.70 13.96 5.30
N HIS A 260 -8.63 13.54 4.63
CA HIS A 260 -8.14 14.35 3.52
C HIS A 260 -8.41 13.66 2.17
N LEU A 261 -9.34 12.71 2.16
CA LEU A 261 -9.62 11.96 0.93
C LEU A 261 -10.12 12.88 -0.18
N ASP A 262 -11.02 13.82 0.18
CA ASP A 262 -11.57 14.80 -0.78
C ASP A 262 -10.41 15.66 -1.26
N TYR A 263 -9.64 16.23 -0.34
CA TYR A 263 -8.49 17.03 -0.73
C TYR A 263 -7.58 16.23 -1.65
N GLU A 264 -7.44 14.94 -1.39
CA GLU A 264 -6.46 14.18 -2.14
C GLU A 264 -6.85 14.16 -3.62
N LYS A 265 -8.15 13.93 -3.88
CA LYS A 265 -8.67 13.86 -5.25
C LYS A 265 -8.72 15.24 -5.92
N GLU A 266 -9.05 16.29 -5.13
CA GLU A 266 -9.41 17.61 -5.62
C GLU A 266 -8.21 18.56 -5.75
N VAL A 267 -7.11 18.36 -5.00
CA VAL A 267 -5.99 19.26 -5.21
C VAL A 267 -4.69 18.51 -5.47
N VAL A 268 -4.48 17.48 -4.71
CA VAL A 268 -3.28 16.69 -4.95
C VAL A 268 -3.43 16.11 -6.35
N GLY A 269 -4.62 15.54 -6.63
CA GLY A 269 -4.93 15.07 -7.98
C GLY A 269 -4.79 16.16 -9.04
N LYS A 270 -5.30 17.39 -8.74
CA LYS A 270 -5.18 18.53 -9.64
C LYS A 270 -3.71 18.82 -9.92
N LEU A 271 -2.89 18.83 -8.86
CA LEU A 271 -1.45 19.07 -8.97
C LEU A 271 -0.79 17.96 -9.78
N ARG A 272 -1.28 16.74 -9.59
CA ARG A 272 -0.67 15.61 -10.28
C ARG A 272 -0.95 15.74 -11.77
N ASP A 273 -2.21 16.07 -12.10
CA ASP A 273 -2.61 16.34 -13.48
C ASP A 273 -1.82 17.52 -14.07
N LYS A 274 -1.57 18.58 -13.27
CA LYS A 274 -0.76 19.70 -13.73
C LYS A 274 0.65 19.23 -14.10
N LEU A 275 1.29 18.50 -13.19
CA LEU A 275 2.64 18.03 -13.45
C LEU A 275 2.61 17.22 -14.74
N GLU A 276 1.61 16.34 -14.84
CA GLU A 276 1.51 15.36 -15.91
C GLU A 276 1.31 16.00 -17.28
N GLU A 277 0.29 16.86 -17.43
CA GLU A 277 0.00 17.34 -18.76
C GLU A 277 0.92 18.50 -19.09
N ALA A 278 1.44 19.20 -18.09
CA ALA A 278 2.47 20.19 -18.35
C ALA A 278 3.79 19.51 -18.72
N LEU A 279 3.89 18.23 -18.40
CA LEU A 279 5.13 17.50 -18.47
C LEU A 279 5.20 16.78 -19.82
N LEU A 280 4.05 16.29 -20.31
CA LEU A 280 4.00 15.53 -21.56
C LEU A 280 4.19 16.44 -22.78
N LYS A 281 4.37 17.75 -22.52
CA LYS A 281 4.65 18.74 -23.55
C LYS A 281 6.13 18.66 -24.00
N ILE A 282 6.95 17.81 -23.37
CA ILE A 282 8.27 17.49 -23.89
C ILE A 282 8.06 16.50 -25.04
N PRO A 283 8.94 16.46 -26.07
CA PRO A 283 8.77 15.46 -27.13
C PRO A 283 8.95 14.09 -26.48
N ASP A 284 8.43 13.03 -27.12
CA ASP A 284 8.92 11.68 -26.97
C ASP A 284 8.70 11.09 -25.57
N VAL A 285 7.63 11.50 -24.89
CA VAL A 285 7.40 11.10 -23.52
C VAL A 285 5.97 10.58 -23.39
N MET A 286 5.77 9.47 -22.69
CA MET A 286 4.40 9.02 -22.48
C MET A 286 4.26 8.47 -21.05
N VAL A 287 3.04 8.57 -20.53
CA VAL A 287 2.75 8.03 -19.21
C VAL A 287 2.41 6.55 -19.36
N VAL A 288 3.05 5.73 -18.51
CA VAL A 288 3.05 4.29 -18.60
C VAL A 288 1.72 3.79 -18.03
N GLY A 289 0.84 3.38 -18.96
CA GLY A 289 -0.45 2.78 -18.66
C GLY A 289 -1.57 3.80 -18.65
N ASP A 290 -2.72 3.34 -18.13
CA ASP A 290 -3.97 4.07 -18.10
C ASP A 290 -3.86 5.28 -17.18
N ARG A 291 -4.68 6.29 -17.46
CA ARG A 291 -4.69 7.56 -16.78
C ARG A 291 -6.09 7.82 -16.23
N ILE A 292 -6.88 6.76 -16.20
CA ILE A 292 -8.26 6.97 -15.79
C ILE A 292 -8.40 6.31 -14.44
N HIS A 293 -8.10 5.01 -14.38
CA HIS A 293 -8.30 4.25 -13.15
C HIS A 293 -7.03 4.29 -12.28
N ARG A 294 -6.61 5.51 -11.96
CA ARG A 294 -5.45 5.74 -11.13
C ARG A 294 -5.76 6.45 -9.80
N VAL A 295 -4.97 6.08 -8.79
CA VAL A 295 -4.80 6.84 -7.56
C VAL A 295 -4.45 8.29 -7.90
N PRO A 296 -5.04 9.29 -7.19
CA PRO A 296 -4.78 10.69 -7.47
C PRO A 296 -3.34 11.20 -7.48
N ASN A 297 -2.37 10.51 -6.84
CA ASN A 297 -1.10 11.18 -6.54
C ASN A 297 0.07 10.70 -7.42
N THR A 298 -0.18 9.65 -8.21
CA THR A 298 0.93 9.04 -8.94
C THR A 298 0.85 9.29 -10.45
N THR A 299 2.04 9.62 -11.00
CA THR A 299 2.31 9.62 -12.43
C THR A 299 3.58 8.82 -12.71
N LEU A 300 3.56 7.91 -13.69
CA LEU A 300 4.76 7.19 -14.06
C LEU A 300 5.07 7.51 -15.53
N VAL A 301 6.15 8.27 -15.78
CA VAL A 301 6.46 8.72 -17.13
C VAL A 301 7.76 8.11 -17.65
N SER A 302 7.74 7.72 -18.94
CA SER A 302 8.94 7.31 -19.65
C SER A 302 9.40 8.44 -20.56
N VAL A 303 10.71 8.68 -20.58
CA VAL A 303 11.28 9.54 -21.62
C VAL A 303 12.10 8.70 -22.60
N ARG A 304 11.78 8.90 -23.89
CA ARG A 304 12.25 8.06 -24.97
C ARG A 304 13.70 8.43 -25.25
N GLY A 305 14.59 7.50 -24.87
CA GLY A 305 16.01 7.66 -25.07
C GLY A 305 16.71 8.20 -23.82
N ILE A 306 16.14 7.89 -22.66
CA ILE A 306 16.83 8.11 -21.39
C ILE A 306 16.39 7.05 -20.39
N GLU A 307 17.36 6.29 -19.89
CA GLU A 307 17.07 5.34 -18.84
C GLU A 307 16.63 6.10 -17.59
N GLY A 308 15.60 5.56 -16.93
CA GLY A 308 14.93 6.23 -15.83
C GLY A 308 15.91 6.69 -14.76
N GLU A 309 16.84 5.81 -14.38
CA GLU A 309 17.75 6.08 -13.29
C GLU A 309 18.45 7.42 -13.51
N ALA A 310 19.14 7.56 -14.65
CA ALA A 310 19.90 8.75 -15.06
C ALA A 310 19.18 10.04 -14.68
N MET A 311 17.93 10.16 -15.14
CA MET A 311 17.08 11.32 -14.91
C MET A 311 16.86 11.54 -13.42
N LEU A 312 16.84 10.42 -12.67
CA LEU A 312 16.71 10.38 -11.22
C LEU A 312 17.95 11.02 -10.58
N TRP A 313 19.18 10.61 -10.98
CA TRP A 313 20.42 11.10 -10.40
C TRP A 313 20.53 12.61 -10.62
N ASP A 314 20.12 13.06 -11.81
CA ASP A 314 20.26 14.46 -12.21
C ASP A 314 19.32 15.32 -11.39
N LEU A 315 18.07 14.85 -11.29
CA LEU A 315 17.01 15.47 -10.52
C LEU A 315 17.37 15.56 -9.04
N ASN A 316 18.15 14.59 -8.55
CA ASN A 316 18.56 14.57 -7.16
C ASN A 316 19.46 15.77 -6.87
N ARG A 317 20.34 16.05 -7.84
CA ARG A 317 21.33 17.10 -7.72
C ARG A 317 20.62 18.44 -7.54
N SER A 318 19.43 18.58 -8.12
CA SER A 318 18.65 19.81 -7.94
C SER A 318 17.64 19.71 -6.79
N ASN A 319 17.82 18.76 -5.85
CA ASN A 319 17.04 18.65 -4.61
C ASN A 319 15.56 18.21 -4.83
N ILE A 320 15.33 17.27 -5.76
CA ILE A 320 13.99 16.81 -6.05
C ILE A 320 14.03 15.29 -6.05
N ALA A 321 13.13 14.64 -5.28
CA ALA A 321 13.30 13.19 -5.06
C ALA A 321 12.22 12.47 -5.82
N ALA A 322 12.59 11.38 -6.52
CA ALA A 322 11.68 10.54 -7.29
C ALA A 322 12.28 9.14 -7.40
N SER A 323 11.55 8.21 -8.01
CA SER A 323 11.94 6.80 -8.03
C SER A 323 11.73 6.24 -9.45
N THR A 324 12.18 5.01 -9.71
CA THR A 324 11.95 4.37 -11.00
C THR A 324 10.69 3.50 -10.97
N GLY A 325 10.47 2.77 -12.05
CA GLY A 325 9.32 1.90 -12.27
C GLY A 325 9.42 1.18 -13.61
N SER A 326 9.18 -0.14 -13.59
CA SER A 326 9.10 -1.01 -14.75
C SER A 326 8.14 -0.42 -15.80
N ALA A 327 8.56 -0.45 -17.09
CA ALA A 327 7.73 -0.16 -18.25
C ALA A 327 7.47 -1.45 -19.03
N HIS A 350 13.15 -0.16 -21.39
CA HIS A 350 14.02 0.22 -20.24
C HIS A 350 13.14 0.56 -19.03
N THR A 351 13.68 1.38 -18.11
CA THR A 351 12.91 1.83 -16.95
C THR A 351 12.38 3.27 -17.13
N ALA A 352 11.22 3.55 -16.49
CA ALA A 352 10.55 4.85 -16.47
C ALA A 352 10.68 5.49 -15.09
N ILE A 353 10.25 6.75 -14.93
CA ILE A 353 10.40 7.47 -13.65
C ILE A 353 9.05 7.76 -13.01
N ARG A 354 8.96 7.53 -11.69
CA ARG A 354 7.71 7.58 -10.94
C ARG A 354 7.78 8.82 -10.04
N LEU A 355 6.78 9.70 -10.17
CA LEU A 355 6.59 10.85 -9.33
C LEU A 355 5.28 10.70 -8.57
N SER A 356 5.41 10.85 -7.25
CA SER A 356 4.48 10.39 -6.23
C SER A 356 4.24 11.59 -5.31
N LEU A 357 3.02 12.15 -5.38
CA LEU A 357 2.75 13.39 -4.67
C LEU A 357 2.10 13.08 -3.33
N SER A 358 1.86 14.11 -2.52
CA SER A 358 1.19 13.94 -1.22
C SER A 358 0.55 15.27 -0.88
N ARG A 359 -0.13 15.32 0.26
CA ARG A 359 -0.87 16.49 0.67
C ARG A 359 0.09 17.61 1.06
N PHE A 360 1.40 17.38 0.99
CA PHE A 360 2.32 18.41 1.47
C PHE A 360 2.96 19.19 0.33
N ASN A 361 2.69 18.76 -0.92
CA ASN A 361 3.29 19.40 -2.09
C ASN A 361 2.49 20.65 -2.43
N THR A 362 3.15 21.66 -3.01
CA THR A 362 2.48 22.91 -3.37
C THR A 362 2.50 23.12 -4.87
N GLU A 363 1.61 24.00 -5.38
CA GLU A 363 1.68 24.30 -6.80
C GLU A 363 3.06 24.89 -7.19
N ALA A 364 3.58 25.77 -6.33
CA ALA A 364 4.94 26.28 -6.48
C ALA A 364 5.89 25.15 -6.84
N GLU A 365 5.78 24.06 -6.07
CA GLU A 365 6.76 22.99 -6.08
C GLU A 365 6.68 22.28 -7.42
N ILE A 366 5.47 22.10 -7.96
CA ILE A 366 5.44 21.30 -9.16
C ILE A 366 5.72 22.17 -10.37
N ASP A 367 5.42 23.49 -10.28
CA ASP A 367 5.87 24.40 -11.34
C ASP A 367 7.38 24.24 -11.48
N LYS A 368 8.07 24.35 -10.31
CA LYS A 368 9.52 24.23 -10.26
C LYS A 368 9.93 22.89 -10.86
N THR A 369 9.11 21.87 -10.62
CA THR A 369 9.48 20.54 -11.07
C THR A 369 9.42 20.46 -12.58
N ILE A 370 8.31 20.96 -13.16
CA ILE A 370 8.20 21.01 -14.61
C ILE A 370 9.43 21.69 -15.19
N GLU A 371 9.83 22.83 -14.60
CA GLU A 371 11.04 23.54 -15.00
C GLU A 371 12.26 22.61 -14.99
N VAL A 372 12.61 22.10 -13.82
CA VAL A 372 13.89 21.42 -13.65
C VAL A 372 13.93 20.11 -14.41
N PHE A 373 12.76 19.48 -14.53
CA PHE A 373 12.62 18.27 -15.31
C PHE A 373 12.89 18.53 -16.79
N SER A 374 12.27 19.58 -17.35
CA SER A 374 12.35 19.77 -18.79
C SER A 374 13.79 20.11 -19.12
N GLN A 375 14.35 20.99 -18.27
CA GLN A 375 15.73 21.43 -18.39
C GLN A 375 16.66 20.22 -18.39
N ALA A 376 16.56 19.41 -17.34
CA ALA A 376 17.37 18.21 -17.19
C ALA A 376 17.20 17.25 -18.37
N ALA A 377 15.97 17.16 -18.91
CA ALA A 377 15.68 16.22 -19.97
C ALA A 377 16.42 16.61 -21.24
N VAL A 378 16.28 17.89 -21.62
CA VAL A 378 16.84 18.41 -22.87
C VAL A 378 18.38 18.40 -22.82
N ARG A 379 18.98 18.71 -21.65
CA ARG A 379 20.42 18.61 -21.48
C ARG A 379 20.92 17.17 -21.66
N LEU A 380 20.33 16.21 -20.94
CA LEU A 380 20.71 14.82 -21.09
C LEU A 380 20.62 14.35 -22.55
N ARG A 381 19.52 14.73 -23.24
CA ARG A 381 19.23 14.34 -24.62
C ARG A 381 20.31 14.81 -25.60
N ASN A 382 20.89 16.00 -25.38
CA ASN A 382 21.78 16.61 -26.38
C ASN A 382 23.26 16.34 -26.11
N ILE A 383 23.63 16.04 -24.85
CA ILE A 383 24.94 15.48 -24.57
C ILE A 383 24.99 14.01 -25.01
N SER A 384 23.82 13.46 -25.41
CA SER A 384 23.67 12.14 -26.02
C SER A 384 24.57 11.96 -27.25
N SER A 385 24.70 13.03 -28.05
CA SER A 385 25.36 12.97 -29.35
C SER A 385 26.89 12.86 -29.17
C1 IPA B . -7.35 -6.54 19.02
C2 IPA B . -8.26 -6.15 17.85
C3 IPA B . -7.75 -5.02 17.00
O2 IPA B . -8.50 -7.25 16.97
N1 7TS C . 2.72 -3.52 -0.64
C2 7TS C . 2.69 -2.41 -1.37
C2A 7TS C . 1.61 -2.33 -2.25
C3 7TS C . 3.70 -1.42 -1.26
O3 7TS C . 3.61 -0.29 -2.03
C4 7TS C . 4.77 -1.52 -0.40
C4A 7TS C . 5.75 -0.49 -0.31
C5 7TS C . 4.81 -2.71 0.39
C6 7TS C . 3.79 -3.66 0.23
C5A 7TS C . 5.81 -3.02 1.36
O4P 7TS C . 5.62 -2.12 2.45
P 7TS C . 6.41 -2.33 3.85
O1P 7TS C . 6.10 -3.71 4.48
O2P 7TS C . 8.07 -2.03 3.60
O3P 7TS C . 5.79 -1.13 4.77
N 7TS C . 6.11 0.13 -1.61
CA 7TS C . 7.33 0.63 -1.90
C 7TS C . 7.86 1.16 -3.05
O 7TS C . 7.34 1.35 -4.31
ND 7TS C . 9.13 1.52 -2.80
OG 7TS C . 9.37 1.23 -1.52
CB 7TS C . 8.30 0.69 -0.97
#